data_6WY2
#
_entry.id   6WY2
#
_cell.length_a   94.740
_cell.length_b   30.425
_cell.length_c   58.511
_cell.angle_alpha   90.00
_cell.angle_beta   106.49
_cell.angle_gamma   90.00
#
_symmetry.space_group_name_H-M   'C 1 2 1'
#
loop_
_entity.id
_entity.type
_entity.pdbx_description
1 polymer 'RNA-10mer: CCGG(4-methyl-C)GCCGG'
2 non-polymer 'MAGNESIUM ION'
3 non-polymer 'POTASSIUM ION'
4 water water
#
_entity_poly.entity_id   1
_entity_poly.type   'polyribonucleotide'
_entity_poly.pdbx_seq_one_letter_code
;CCGG(B8T)GCCGG
;
_entity_poly.pdbx_strand_id   A,B,C,D,E
#